data_3ELF
#
_entry.id   3ELF
#
_cell.length_a   60.638
_cell.length_b   119.492
_cell.length_c   164.011
_cell.angle_alpha   90.00
_cell.angle_beta   90.00
_cell.angle_gamma   90.00
#
_symmetry.space_group_name_H-M   'I 2 2 2'
#
loop_
_entity.id
_entity.type
_entity.pdbx_description
1 polymer 'Fructose-bisphosphate aldolase'
2 non-polymer '1,6-FRUCTOSE DIPHOSPHATE (LINEAR FORM)'
3 non-polymer 'SODIUM ION'
4 non-polymer 'ZINC ION'
5 water water
#
_entity_poly.entity_id   1
_entity_poly.type   'polypeptide(L)'
_entity_poly.pdbx_seq_one_letter_code
;MPIATPEVYAEMLGQAKQNSYAFPAINCTSSETVNAAIKGFADAGSDGIIQFSTGGAEFGSGLGVKDMVTGAVALAEFTH
VIAAKYPVNVALHTDHCPKDKLDSYVRPLLAISAQRVSKGGNPLFQSHMWDGSAVPIDENLAIAQELLKAAAAAKIILEI
EIGVVGGEEDGVANEINEKLYTSPEDFEKTIEALGAGEHGKYLLAATFGNVHGVYKPGNVKLRPDILAQGQQVAAAKLGL
PADAKPFDFVFHGGSGSLKSEIEEALRYGVVKMNVDTDTQYAFTRPIAGHMFTNYDGVLKVDGEVGVKKVYDPRSYLKKA
EASMSQRVVQACNDLHCAGKSLTHHHHHH
;
_entity_poly.pdbx_strand_id   A
#
loop_
_chem_comp.id
_chem_comp.type
_chem_comp.name
_chem_comp.formula
2FP saccharide '1,6-FRUCTOSE DIPHOSPHATE (LINEAR FORM)' 'C6 H14 O12 P2'
NA non-polymer 'SODIUM ION' 'Na 1'
ZN non-polymer 'ZINC ION' 'Zn 2'
#
# COMPACT_ATOMS: atom_id res chain seq x y z
N PRO A 2 10.22 -0.60 13.99
CA PRO A 2 9.82 -2.00 14.10
C PRO A 2 8.72 -2.32 13.10
N ILE A 3 8.49 -3.60 12.85
CA ILE A 3 7.26 -4.02 12.19
C ILE A 3 6.09 -3.60 13.08
N ALA A 4 5.04 -3.07 12.46
CA ALA A 4 3.82 -2.73 13.19
C ALA A 4 3.19 -4.00 13.78
N THR A 5 2.99 -4.02 15.10
CA THR A 5 2.16 -5.06 15.69
C THR A 5 0.73 -4.80 15.22
N PRO A 6 -0.15 -5.81 15.31
CA PRO A 6 -1.56 -5.57 14.95
C PRO A 6 -2.17 -4.41 15.74
N GLU A 7 -1.81 -4.30 17.01
CA GLU A 7 -2.32 -3.23 17.87
C GLU A 7 -1.85 -1.86 17.40
N VAL A 8 -0.24 -1.75 17.17
N VAL A 8 -0.56 -1.78 17.06
CA VAL A 8 0.20 -0.45 16.69
CA VAL A 8 0.01 -0.53 16.55
C VAL A 8 -0.34 -0.08 15.32
C VAL A 8 -0.60 -0.15 15.20
N TYR A 9 -0.80 -1.14 14.32
CA TYR A 9 -1.38 -0.86 13.01
C TYR A 9 -2.80 -0.34 13.13
N ALA A 10 -3.59 -0.97 13.99
CA ALA A 10 -4.94 -0.49 14.25
C ALA A 10 -4.91 0.94 14.79
N GLU A 11 -3.97 1.23 15.68
CA GLU A 11 -3.82 2.57 16.24
C GLU A 11 -3.41 3.56 15.16
N MET A 12 -2.47 3.16 14.30
CA MET A 12 -2.06 3.98 13.16
C MET A 12 -3.26 4.44 12.34
N LEU A 13 -4.06 3.48 11.92
CA LEU A 13 -5.20 3.77 11.05
C LEU A 13 -6.28 4.58 11.76
N GLY A 14 -6.47 4.32 13.04
CA GLY A 14 -7.40 5.11 13.87
C GLY A 14 -6.96 6.55 14.01
N GLN A 15 -5.66 6.75 14.26
CA GLN A 15 -5.11 8.09 14.40
C GLN A 15 -5.15 8.86 13.09
N ALA A 16 -4.85 8.18 11.99
CA ALA A 16 -4.92 8.80 10.66
C ALA A 16 -6.33 9.32 10.38
N LYS A 17 -7.32 8.46 10.58
CA LYS A 17 -8.72 8.82 10.32
C LYS A 17 -9.16 10.00 11.20
N GLN A 18 -8.86 9.90 12.48
CA GLN A 18 -9.23 10.92 13.47
C GLN A 18 -8.67 12.29 13.14
N ASN A 19 -7.48 12.29 12.54
CA ASN A 19 -6.74 13.52 12.27
C ASN A 19 -6.67 13.90 10.79
N SER A 20 -7.44 13.18 9.97
CA SER A 20 -7.53 13.44 8.53
C SER A 20 -6.18 13.40 7.81
N TYR A 21 -5.37 12.40 8.14
CA TYR A 21 -4.18 12.11 7.35
C TYR A 21 -4.20 10.66 6.90
N ALA A 22 -3.20 10.27 6.12
CA ALA A 22 -3.14 8.92 5.57
C ALA A 22 -1.71 8.46 5.47
N PHE A 23 -1.52 7.15 5.31
CA PHE A 23 -0.20 6.57 5.12
C PHE A 23 0.03 6.17 3.67
N PRO A 24 1.26 6.31 3.19
N PRO A 24 1.28 6.31 3.17
CA PRO A 24 1.58 5.74 1.91
CA PRO A 24 1.58 5.78 1.85
C PRO A 24 1.68 4.23 2.04
C PRO A 24 1.85 4.29 1.89
N ALA A 25 1.18 3.55 1.02
CA ALA A 25 1.38 2.11 0.88
C ALA A 25 2.20 1.94 -0.39
N ILE A 26 3.48 1.62 -0.20
CA ILE A 26 4.43 1.61 -1.29
C ILE A 26 4.60 0.18 -1.81
N ASN A 27 4.29 -0.04 -3.09
CA ASN A 27 4.57 -1.34 -3.67
C ASN A 27 6.07 -1.57 -3.78
N CYS A 28 6.49 -2.74 -3.29
CA CYS A 28 7.90 -3.12 -3.32
C CYS A 28 8.02 -4.50 -3.96
N THR A 29 9.23 -4.81 -4.43
CA THR A 29 9.46 -6.00 -5.23
C THR A 29 10.78 -6.69 -4.88
N SER A 30 11.51 -6.14 -3.91
CA SER A 30 12.91 -6.54 -3.72
C SER A 30 13.45 -6.01 -2.43
N SER A 31 14.64 -6.49 -2.04
CA SER A 31 15.34 -5.94 -0.90
C SER A 31 15.63 -4.44 -1.07
N GLU A 32 16.05 -4.03 -2.26
CA GLU A 32 16.38 -2.62 -2.47
C GLU A 32 15.16 -1.71 -2.35
N THR A 33 14.04 -2.14 -2.90
CA THR A 33 12.84 -1.32 -2.87
C THR A 33 12.23 -1.27 -1.46
N VAL A 34 12.25 -2.39 -0.74
CA VAL A 34 11.86 -2.39 0.68
C VAL A 34 12.73 -1.42 1.47
N ASN A 35 14.05 -1.52 1.28
CA ASN A 35 14.96 -0.64 2.00
C ASN A 35 14.69 0.83 1.68
N ALA A 36 14.43 1.12 0.41
CA ALA A 36 14.14 2.49 -0.01
C ALA A 36 12.86 3.02 0.64
N ALA A 37 11.82 2.19 0.67
CA ALA A 37 10.55 2.60 1.25
C ALA A 37 10.68 2.89 2.74
N ILE A 38 11.32 1.97 3.48
CA ILE A 38 11.43 2.15 4.92
C ILE A 38 12.29 3.37 5.25
N LYS A 39 13.39 3.54 4.54
CA LYS A 39 14.22 4.72 4.74
C LYS A 39 13.42 6.01 4.47
N GLY A 40 12.55 5.97 3.46
CA GLY A 40 11.68 7.13 3.18
C GLY A 40 10.76 7.43 4.35
N PHE A 41 10.10 6.39 4.88
CA PHE A 41 9.25 6.58 6.05
C PHE A 41 10.07 7.20 7.20
N ALA A 42 11.24 6.62 7.47
CA ALA A 42 12.07 7.08 8.58
C ALA A 42 12.53 8.51 8.39
N ASP A 43 12.94 8.85 7.17
CA ASP A 43 13.39 10.22 6.88
C ASP A 43 12.27 11.24 7.07
N ALA A 44 11.04 10.79 6.85
CA ALA A 44 9.86 11.64 7.05
C ALA A 44 9.31 11.59 8.48
N GLY A 45 9.93 10.82 9.36
CA GLY A 45 9.43 10.64 10.73
C GLY A 45 8.02 10.09 10.73
N SER A 46 7.77 9.14 9.82
CA SER A 46 6.42 8.64 9.55
C SER A 46 6.35 7.13 9.67
N ASP A 47 5.20 6.64 10.09
CA ASP A 47 4.87 5.22 9.91
C ASP A 47 4.50 5.00 8.44
N GLY A 48 4.44 3.75 8.01
CA GLY A 48 4.14 3.49 6.61
C GLY A 48 3.82 2.04 6.34
N ILE A 49 3.39 1.77 5.11
CA ILE A 49 2.98 0.46 4.69
C ILE A 49 3.79 0.01 3.48
N ILE A 50 4.30 -1.21 3.53
N ILE A 50 4.30 -1.22 3.56
CA ILE A 50 4.95 -1.84 2.39
CA ILE A 50 4.97 -1.92 2.46
C ILE A 50 4.06 -2.95 1.87
C ILE A 50 3.97 -2.90 1.89
N GLN A 51 3.77 -2.91 0.58
CA GLN A 51 2.87 -3.89 -0.02
C GLN A 51 3.46 -4.66 -1.19
N PHE A 52 3.04 -5.91 -1.30
CA PHE A 52 3.46 -6.76 -2.40
C PHE A 52 2.25 -7.19 -3.22
N SER A 53 2.27 -6.87 -4.50
CA SER A 53 1.26 -7.37 -5.42
C SER A 53 1.53 -8.84 -5.74
N THR A 54 0.57 -9.50 -6.39
CA THR A 54 0.79 -10.88 -6.82
C THR A 54 2.02 -10.98 -7.74
N GLY A 55 2.14 -10.03 -8.68
CA GLY A 55 3.30 -9.99 -9.59
C GLY A 55 4.58 -9.62 -8.88
N GLY A 56 4.50 -8.72 -7.91
CA GLY A 56 5.67 -8.35 -7.12
C GLY A 56 6.18 -9.53 -6.32
N ALA A 57 5.26 -10.27 -5.70
CA ALA A 57 5.59 -11.50 -4.98
C ALA A 57 6.21 -12.56 -5.90
N GLU A 58 5.60 -12.79 -7.05
N GLU A 58 5.61 -12.77 -7.06
CA GLU A 58 6.15 -13.72 -8.03
CA GLU A 58 6.15 -13.73 -8.05
C GLU A 58 7.59 -13.32 -8.41
C GLU A 58 7.55 -13.34 -8.54
N PHE A 59 7.78 -12.04 -8.70
CA PHE A 59 9.10 -11.52 -9.04
C PHE A 59 10.09 -11.74 -7.88
N GLY A 60 9.64 -11.45 -6.67
CA GLY A 60 10.47 -11.65 -5.49
C GLY A 60 10.90 -13.09 -5.26
N SER A 61 10.12 -14.04 -5.75
CA SER A 61 10.45 -15.46 -5.61
C SER A 61 11.51 -15.93 -6.61
N GLY A 62 11.79 -15.11 -7.63
CA GLY A 62 12.76 -15.43 -8.67
C GLY A 62 12.17 -16.19 -9.86
N LEU A 63 12.85 -16.07 -11.00
CA LEU A 63 12.42 -16.72 -12.22
C LEU A 63 12.42 -18.23 -12.12
N GLY A 64 13.21 -18.76 -11.18
CA GLY A 64 13.30 -20.21 -10.98
C GLY A 64 12.21 -20.78 -10.11
N VAL A 65 11.37 -19.92 -9.53
CA VAL A 65 10.30 -20.37 -8.62
C VAL A 65 8.93 -19.88 -9.09
N LYS A 66 8.80 -18.57 -9.32
CA LYS A 66 7.54 -17.95 -9.75
C LYS A 66 6.36 -18.40 -8.89
N ASP A 67 6.51 -18.26 -7.57
CA ASP A 67 5.48 -18.63 -6.62
C ASP A 67 5.19 -17.44 -5.72
N MET A 68 3.94 -17.00 -5.73
CA MET A 68 3.52 -15.82 -4.98
C MET A 68 3.73 -15.96 -3.47
N VAL A 69 3.33 -17.09 -2.90
CA VAL A 69 3.51 -17.28 -1.46
C VAL A 69 4.99 -17.24 -1.08
N THR A 70 5.83 -17.95 -1.83
CA THR A 70 7.27 -17.96 -1.54
C THR A 70 7.85 -16.55 -1.57
N GLY A 71 7.52 -15.78 -2.61
CA GLY A 71 8.07 -14.44 -2.75
C GLY A 71 7.60 -13.50 -1.65
N ALA A 72 6.31 -13.59 -1.32
CA ALA A 72 5.78 -12.74 -0.25
C ALA A 72 6.39 -13.09 1.10
N VAL A 73 6.53 -14.39 1.39
CA VAL A 73 7.14 -14.81 2.65
C VAL A 73 8.61 -14.40 2.71
N ALA A 74 9.35 -14.62 1.62
CA ALA A 74 10.78 -14.31 1.62
C ALA A 74 11.00 -12.82 1.82
N LEU A 75 10.24 -12.00 1.09
CA LEU A 75 10.36 -10.55 1.24
C LEU A 75 9.87 -10.07 2.59
N ALA A 76 8.81 -10.70 3.13
CA ALA A 76 8.35 -10.35 4.48
C ALA A 76 9.38 -10.67 5.54
N GLU A 77 10.03 -11.83 5.42
CA GLU A 77 11.06 -12.19 6.40
C GLU A 77 12.25 -11.22 6.35
N PHE A 78 12.66 -10.85 5.15
CA PHE A 78 13.67 -9.83 4.97
C PHE A 78 13.24 -8.54 5.68
N THR A 79 12.00 -8.11 5.42
CA THR A 79 11.49 -6.85 5.95
C THR A 79 11.41 -6.85 7.48
N HIS A 80 11.07 -7.99 8.06
CA HIS A 80 11.02 -8.10 9.53
C HIS A 80 12.39 -7.80 10.15
N VAL A 81 13.45 -8.27 9.52
CA VAL A 81 14.80 -8.04 10.05
C VAL A 81 15.17 -6.57 9.90
N ILE A 82 14.91 -6.00 8.72
CA ILE A 82 15.26 -4.60 8.46
C ILE A 82 14.46 -3.62 9.35
N ALA A 83 13.16 -3.82 9.43
CA ALA A 83 12.28 -2.85 10.10
C ALA A 83 12.59 -2.73 11.59
N ALA A 84 13.13 -3.78 12.17
CA ALA A 84 13.53 -3.77 13.58
C ALA A 84 14.60 -2.72 13.88
N LYS A 85 15.31 -2.28 12.84
CA LYS A 85 16.40 -1.32 12.99
C LYS A 85 15.99 0.14 12.76
N TYR A 86 14.71 0.37 12.54
CA TYR A 86 14.20 1.72 12.33
C TYR A 86 13.20 2.12 13.41
N PRO A 87 13.21 3.39 13.84
N PRO A 87 13.22 3.42 13.82
CA PRO A 87 12.31 3.74 14.94
CA PRO A 87 12.35 4.02 14.83
C PRO A 87 10.82 3.76 14.59
C PRO A 87 11.00 4.51 14.29
N VAL A 88 10.48 3.81 13.30
CA VAL A 88 9.10 4.00 12.83
C VAL A 88 8.42 2.65 12.69
N ASN A 89 7.09 2.66 12.59
CA ASN A 89 6.33 1.42 12.43
C ASN A 89 6.05 1.14 10.98
N VAL A 90 6.33 -0.09 10.57
CA VAL A 90 6.22 -0.51 9.19
C VAL A 90 5.24 -1.68 9.14
N ALA A 91 4.11 -1.49 8.46
CA ALA A 91 3.14 -2.56 8.27
C ALA A 91 3.32 -3.23 6.92
N LEU A 92 3.14 -4.55 6.90
CA LEU A 92 3.22 -5.35 5.67
C LEU A 92 1.83 -5.74 5.17
N HIS A 93 1.63 -5.59 3.86
CA HIS A 93 0.33 -5.74 3.23
C HIS A 93 0.49 -6.49 1.91
N THR A 94 -0.52 -7.25 1.51
CA THR A 94 -0.56 -7.78 0.14
C THR A 94 -1.65 -7.07 -0.67
N ASP A 95 -1.33 -6.80 -1.92
CA ASP A 95 -2.18 -6.02 -2.81
C ASP A 95 -3.10 -6.94 -3.65
N HIS A 96 -3.89 -6.35 -4.54
CA HIS A 96 -4.94 -7.02 -5.34
C HIS A 96 -4.85 -8.54 -5.46
N CYS A 97 -5.77 -9.25 -4.83
CA CYS A 97 -5.87 -10.70 -5.01
C CYS A 97 -7.28 -11.04 -5.46
N PRO A 98 -7.44 -11.43 -6.75
CA PRO A 98 -8.75 -11.80 -7.27
C PRO A 98 -9.16 -13.21 -6.85
N LYS A 99 -10.40 -13.58 -7.19
CA LYS A 99 -10.97 -14.84 -6.75
C LYS A 99 -10.10 -16.07 -7.07
N ASP A 100 -9.56 -16.10 -8.29
CA ASP A 100 -8.82 -17.29 -8.73
C ASP A 100 -7.40 -17.39 -8.15
N LYS A 101 -6.98 -16.38 -7.41
CA LYS A 101 -5.68 -16.40 -6.76
C LYS A 101 -5.77 -16.51 -5.23
N LEU A 102 -6.97 -16.47 -4.67
CA LEU A 102 -7.12 -16.58 -3.21
C LEU A 102 -6.46 -17.85 -2.66
N ASP A 103 -6.66 -18.98 -3.34
CA ASP A 103 -6.13 -20.25 -2.87
C ASP A 103 -4.61 -20.36 -2.96
N SER A 104 -4.00 -19.48 -3.75
CA SER A 104 -2.55 -19.52 -3.94
C SER A 104 -1.83 -18.26 -3.48
N TYR A 105 -2.54 -17.37 -2.78
CA TYR A 105 -1.91 -16.18 -2.23
C TYR A 105 -2.46 -15.85 -0.86
N VAL A 106 -3.60 -15.21 -0.79
CA VAL A 106 -4.13 -14.74 0.50
C VAL A 106 -4.46 -15.86 1.50
N ARG A 107 -5.14 -16.91 1.05
N ARG A 107 -5.13 -16.91 1.04
CA ARG A 107 -5.49 -17.99 1.98
CA ARG A 107 -5.50 -17.99 1.97
C ARG A 107 -4.26 -18.66 2.62
C ARG A 107 -4.30 -18.71 2.60
N PRO A 108 -3.29 -19.13 1.79
CA PRO A 108 -2.08 -19.69 2.41
C PRO A 108 -1.31 -18.73 3.31
N LEU A 109 -1.27 -17.45 2.96
CA LEU A 109 -0.63 -16.47 3.82
C LEU A 109 -1.39 -16.28 5.13
N LEU A 110 -2.72 -16.24 5.06
CA LEU A 110 -3.55 -16.19 6.27
C LEU A 110 -3.25 -17.39 7.17
N ALA A 111 -3.11 -18.57 6.56
CA ALA A 111 -2.84 -19.79 7.33
C ALA A 111 -1.49 -19.74 8.04
N ILE A 112 -0.48 -19.18 7.36
CA ILE A 112 0.83 -19.00 7.99
C ILE A 112 0.72 -18.10 9.23
N SER A 113 -0.01 -17.00 9.10
CA SER A 113 -0.21 -16.08 10.22
C SER A 113 -1.06 -16.68 11.33
N ALA A 114 -2.09 -17.43 10.97
CA ALA A 114 -2.91 -18.11 11.97
C ALA A 114 -2.07 -19.06 12.81
N GLN A 115 -1.11 -19.75 12.18
CA GLN A 115 -0.22 -20.67 12.90
C GLN A 115 0.68 -19.89 13.88
N ARG A 116 1.18 -18.73 13.45
CA ARG A 116 2.01 -17.90 14.29
C ARG A 116 1.24 -17.41 15.52
N VAL A 117 0.03 -16.97 15.28
CA VAL A 117 -0.83 -16.45 16.32
C VAL A 117 -1.23 -17.57 17.32
N SER A 118 -1.46 -18.76 16.80
CA SER A 118 -1.75 -19.92 17.66
C SER A 118 -0.63 -20.26 18.62
N LYS A 119 0.58 -19.89 18.29
CA LYS A 119 1.74 -20.08 19.14
C LYS A 119 2.09 -18.88 20.01
N GLY A 120 1.26 -17.85 20.02
CA GLY A 120 1.44 -16.68 20.88
C GLY A 120 2.20 -15.54 20.21
N GLY A 121 2.42 -15.67 18.90
CA GLY A 121 3.12 -14.65 18.14
C GLY A 121 2.17 -13.73 17.38
N ASN A 122 2.76 -12.89 16.54
CA ASN A 122 2.00 -11.98 15.71
C ASN A 122 2.02 -12.42 14.25
N PRO A 123 1.04 -11.97 13.45
CA PRO A 123 0.98 -12.37 12.05
C PRO A 123 2.17 -11.88 11.24
N LEU A 124 2.47 -12.59 10.16
CA LEU A 124 3.56 -12.23 9.26
C LEU A 124 3.25 -10.92 8.50
N PHE A 125 2.05 -10.83 7.97
CA PHE A 125 1.50 -9.62 7.36
C PHE A 125 0.47 -9.03 8.28
N GLN A 126 0.28 -7.72 8.19
CA GLN A 126 -0.70 -7.05 9.05
C GLN A 126 -2.01 -6.72 8.34
N SER A 127 -1.98 -6.77 7.00
CA SER A 127 -3.22 -6.68 6.22
C SER A 127 -3.08 -7.45 4.90
N HIS A 128 -4.22 -7.89 4.37
CA HIS A 128 -4.30 -8.56 3.06
C HIS A 128 -5.45 -7.97 2.27
N MET A 129 -5.24 -7.78 0.96
CA MET A 129 -6.32 -7.35 0.10
C MET A 129 -7.04 -8.48 -0.61
N TRP A 130 -8.36 -8.51 -0.44
CA TRP A 130 -9.26 -9.31 -1.26
C TRP A 130 -9.85 -8.36 -2.30
N ASP A 131 -9.52 -8.57 -3.57
CA ASP A 131 -10.08 -7.75 -4.64
C ASP A 131 -11.15 -8.53 -5.37
N GLY A 132 -12.41 -8.35 -4.95
CA GLY A 132 -13.54 -9.01 -5.58
C GLY A 132 -14.31 -8.13 -6.53
N SER A 133 -13.68 -7.06 -7.00
CA SER A 133 -14.38 -6.07 -7.82
C SER A 133 -14.86 -6.61 -9.16
N ALA A 134 -14.26 -7.72 -9.62
CA ALA A 134 -14.64 -8.34 -10.89
C ALA A 134 -15.83 -9.31 -10.77
N VAL A 135 -16.28 -9.59 -9.55
CA VAL A 135 -17.46 -10.44 -9.35
C VAL A 135 -18.63 -9.59 -8.81
N PRO A 136 -19.87 -10.10 -8.92
CA PRO A 136 -20.98 -9.31 -8.40
C PRO A 136 -20.84 -8.95 -6.92
N ILE A 137 -21.40 -7.80 -6.54
CA ILE A 137 -21.23 -7.27 -5.18
C ILE A 137 -21.59 -8.25 -4.06
N ASP A 138 -22.68 -9.01 -4.23
CA ASP A 138 -23.07 -9.96 -3.20
C ASP A 138 -22.06 -11.08 -3.01
N GLU A 139 -21.49 -11.58 -4.10
CA GLU A 139 -20.45 -12.60 -4.02
C GLU A 139 -19.18 -12.02 -3.40
N ASN A 140 -18.82 -10.81 -3.85
CA ASN A 140 -17.67 -10.09 -3.30
C ASN A 140 -17.78 -10.02 -1.77
N LEU A 141 -18.93 -9.57 -1.29
CA LEU A 141 -19.10 -9.37 0.15
C LEU A 141 -19.29 -10.66 0.93
N ALA A 142 -19.77 -11.71 0.26
CA ALA A 142 -19.86 -13.04 0.88
C ALA A 142 -18.46 -13.57 1.16
N ILE A 143 -17.59 -13.50 0.17
CA ILE A 143 -16.20 -13.90 0.33
C ILE A 143 -15.53 -12.99 1.36
N ALA A 144 -15.82 -11.68 1.30
CA ALA A 144 -15.22 -10.73 2.23
C ALA A 144 -15.59 -11.05 3.67
N GLN A 145 -16.84 -11.41 3.92
CA GLN A 145 -17.27 -11.68 5.28
C GLN A 145 -16.51 -12.87 5.87
N GLU A 146 -16.35 -13.95 5.10
CA GLU A 146 -15.62 -15.11 5.62
C GLU A 146 -14.13 -14.82 5.76
N LEU A 147 -13.56 -14.05 4.83
CA LEU A 147 -12.15 -13.67 4.97
C LEU A 147 -11.93 -12.74 6.15
N LEU A 148 -12.89 -11.86 6.43
CA LEU A 148 -12.77 -10.94 7.56
C LEU A 148 -12.72 -11.69 8.88
N LYS A 149 -13.55 -12.72 9.01
CA LYS A 149 -13.53 -13.55 10.20
C LYS A 149 -12.17 -14.21 10.38
N ALA A 150 -11.63 -14.79 9.29
CA ALA A 150 -10.34 -15.46 9.33
C ALA A 150 -9.21 -14.48 9.61
N ALA A 151 -9.27 -13.31 8.95
CA ALA A 151 -8.24 -12.29 9.14
C ALA A 151 -8.25 -11.75 10.56
N ALA A 152 -9.42 -11.38 11.06
CA ALA A 152 -9.51 -10.83 12.41
C ALA A 152 -8.99 -11.83 13.46
N ALA A 153 -9.29 -13.11 13.25
CA ALA A 153 -8.81 -14.17 14.14
C ALA A 153 -7.28 -14.31 14.13
N ALA A 154 -6.66 -13.90 13.03
CA ALA A 154 -5.20 -13.92 12.88
C ALA A 154 -4.57 -12.55 13.15
N LYS A 155 -5.38 -11.63 13.68
CA LYS A 155 -4.95 -10.26 14.00
C LYS A 155 -4.52 -9.48 12.75
N ILE A 156 -5.29 -9.68 11.69
CA ILE A 156 -5.01 -9.10 10.36
C ILE A 156 -6.20 -8.26 9.89
N ILE A 157 -5.90 -7.10 9.31
CA ILE A 157 -6.92 -6.24 8.72
C ILE A 157 -7.16 -6.63 7.25
N LEU A 158 -8.42 -6.69 6.84
CA LEU A 158 -8.75 -7.02 5.46
C LEU A 158 -9.03 -5.76 4.65
N GLU A 159 -8.42 -5.66 3.47
CA GLU A 159 -8.81 -4.62 2.51
C GLU A 159 -9.70 -5.27 1.45
N ILE A 160 -10.78 -4.58 1.09
CA ILE A 160 -11.68 -5.05 0.03
C ILE A 160 -11.81 -3.95 -1.03
N GLU A 161 -12.38 -4.29 -2.18
CA GLU A 161 -12.55 -3.32 -3.27
C GLU A 161 -13.93 -3.44 -3.87
N ILE A 162 -14.56 -2.28 -4.03
CA ILE A 162 -15.85 -2.19 -4.73
C ILE A 162 -15.68 -1.21 -5.88
N GLY A 163 -15.96 -1.67 -7.10
CA GLY A 163 -15.66 -0.92 -8.31
C GLY A 163 -14.28 -1.27 -8.82
N VAL A 164 -14.06 -1.10 -10.11
CA VAL A 164 -12.78 -1.42 -10.73
C VAL A 164 -11.99 -0.12 -10.96
N VAL A 165 -10.79 -0.06 -10.40
CA VAL A 165 -9.89 1.07 -10.63
C VAL A 165 -9.46 1.06 -12.10
N GLY A 166 -9.39 2.24 -12.71
CA GLY A 166 -8.95 2.36 -14.10
C GLY A 166 -7.53 1.89 -14.32
N GLY A 167 -7.19 1.57 -15.57
CA GLY A 167 -5.86 1.10 -15.93
C GLY A 167 -5.45 1.59 -17.30
N TYR A 181 -18.32 4.19 -11.00
CA TYR A 181 -17.98 4.61 -9.65
C TYR A 181 -18.75 3.78 -8.62
N THR A 182 -18.19 3.68 -7.42
CA THR A 182 -18.87 2.98 -6.32
C THR A 182 -20.21 3.64 -6.02
N SER A 183 -21.26 2.81 -5.95
CA SER A 183 -22.64 3.28 -5.80
C SER A 183 -23.08 3.38 -4.33
N PRO A 184 -24.07 4.25 -4.04
CA PRO A 184 -24.65 4.28 -2.69
C PRO A 184 -25.10 2.91 -2.16
N GLU A 185 -25.73 2.10 -3.02
CA GLU A 185 -26.17 0.77 -2.61
CA GLU A 185 -26.18 0.76 -2.63
C GLU A 185 -25.01 -0.15 -2.27
N ASP A 186 -23.89 -0.02 -2.98
CA ASP A 186 -22.72 -0.84 -2.68
C ASP A 186 -22.09 -0.45 -1.35
N PHE A 187 -22.06 0.85 -1.06
CA PHE A 187 -21.64 1.35 0.26
C PHE A 187 -22.56 0.80 1.37
N GLU A 188 -23.87 0.84 1.14
N GLU A 188 -23.87 0.82 1.15
CA GLU A 188 -24.84 0.32 2.11
CA GLU A 188 -24.79 0.33 2.18
C GLU A 188 -24.64 -1.17 2.37
C GLU A 188 -24.73 -1.19 2.37
N LYS A 189 -24.52 -1.94 1.29
CA LYS A 189 -24.31 -3.40 1.39
C LYS A 189 -23.06 -3.74 2.19
N THR A 190 -22.01 -2.95 2.01
CA THR A 190 -20.76 -3.17 2.72
C THR A 190 -20.92 -3.03 4.23
N ILE A 191 -21.58 -1.96 4.68
CA ILE A 191 -21.87 -1.79 6.12
C ILE A 191 -22.73 -2.91 6.63
N GLU A 192 -23.77 -3.27 5.87
CA GLU A 192 -24.66 -4.36 6.28
C GLU A 192 -23.92 -5.68 6.47
N ALA A 193 -23.05 -6.03 5.53
CA ALA A 193 -22.37 -7.32 5.57
C ALA A 193 -21.22 -7.41 6.58
N LEU A 194 -20.55 -6.30 6.83
CA LEU A 194 -19.26 -6.30 7.52
C LEU A 194 -19.29 -5.45 8.78
N GLY A 195 -20.30 -4.62 8.94
CA GLY A 195 -20.34 -3.68 10.06
C GLY A 195 -19.39 -2.53 9.83
N ALA A 196 -18.91 -1.93 10.91
CA ALA A 196 -18.09 -0.73 10.83
C ALA A 196 -16.81 -0.85 11.65
N GLY A 197 -16.29 -2.08 11.76
CA GLY A 197 -15.05 -2.35 12.46
C GLY A 197 -15.20 -3.26 13.67
N GLU A 198 -16.41 -3.35 14.20
CA GLU A 198 -16.66 -4.11 15.42
C GLU A 198 -16.56 -5.63 15.24
N HIS A 199 -16.54 -6.08 13.99
CA HIS A 199 -16.34 -7.51 13.67
C HIS A 199 -14.96 -7.74 13.08
N GLY A 200 -14.08 -6.78 13.30
CA GLY A 200 -12.76 -6.79 12.67
C GLY A 200 -12.65 -5.59 11.76
N LYS A 201 -11.51 -4.92 11.84
CA LYS A 201 -11.26 -3.77 10.98
C LYS A 201 -11.08 -4.21 9.53
N TYR A 202 -11.66 -3.42 8.64
CA TYR A 202 -11.42 -3.58 7.21
C TYR A 202 -11.21 -2.22 6.57
N LEU A 203 -10.51 -2.25 5.44
CA LEU A 203 -10.23 -1.07 4.64
C LEU A 203 -11.01 -1.21 3.34
N LEU A 204 -11.57 -0.10 2.88
CA LEU A 204 -12.41 -0.13 1.69
C LEU A 204 -11.79 0.67 0.55
N ALA A 205 -11.41 -0.04 -0.52
CA ALA A 205 -10.98 0.59 -1.75
C ALA A 205 -12.22 0.88 -2.59
N ALA A 206 -12.74 2.08 -2.44
CA ALA A 206 -13.89 2.53 -3.22
C ALA A 206 -13.36 3.31 -4.41
N THR A 207 -13.99 3.11 -5.56
CA THR A 207 -13.54 3.76 -6.79
CA THR A 207 -13.56 3.72 -6.82
C THR A 207 -14.26 5.08 -7.03
N PHE A 208 -13.47 6.08 -7.37
CA PHE A 208 -13.97 7.44 -7.51
C PHE A 208 -13.29 8.21 -8.64
N GLY A 209 -13.03 7.50 -9.74
CA GLY A 209 -12.38 8.09 -10.91
C GLY A 209 -10.88 7.93 -10.90
N ASN A 210 -10.38 7.25 -9.86
CA ASN A 210 -8.95 6.98 -9.73
C ASN A 210 -8.47 5.94 -10.73
N VAL A 211 -7.20 6.05 -11.12
CA VAL A 211 -6.62 5.25 -12.19
CA VAL A 211 -6.63 5.19 -12.15
C VAL A 211 -5.20 4.82 -11.82
N HIS A 212 -4.88 3.54 -11.98
CA HIS A 212 -3.51 3.05 -11.83
C HIS A 212 -2.67 3.57 -12.99
N GLY A 213 -1.47 4.03 -12.68
CA GLY A 213 -0.56 4.55 -13.70
C GLY A 213 -0.39 6.05 -13.62
N VAL A 214 0.48 6.58 -14.47
CA VAL A 214 0.77 8.01 -14.50
C VAL A 214 0.56 8.56 -15.91
N TYR A 215 -0.34 9.51 -16.01
CA TYR A 215 -0.72 10.12 -17.28
C TYR A 215 -0.44 11.62 -17.19
N LYS A 216 -0.60 12.31 -18.32
CA LYS A 216 -0.38 13.76 -18.37
C LYS A 216 -1.37 14.50 -17.46
N PRO A 217 -0.95 15.66 -16.90
CA PRO A 217 -1.85 16.40 -16.01
C PRO A 217 -3.18 16.77 -16.68
N GLY A 218 -4.27 16.53 -15.97
CA GLY A 218 -5.60 16.79 -16.49
C GLY A 218 -6.35 15.51 -16.84
N ASN A 219 -5.65 14.57 -17.45
CA ASN A 219 -6.24 13.32 -17.95
C ASN A 219 -7.09 12.57 -16.92
N VAL A 220 -6.53 12.36 -15.73
CA VAL A 220 -7.24 11.68 -14.65
C VAL A 220 -8.13 12.68 -13.92
N LYS A 221 -9.43 12.40 -13.92
N LYS A 221 -9.43 12.40 -13.94
CA LYS A 221 -10.41 13.28 -13.29
CA LYS A 221 -10.43 13.26 -13.29
C LYS A 221 -11.04 12.60 -12.08
C LYS A 221 -11.01 12.55 -12.07
N LEU A 222 -10.56 12.96 -10.89
CA LEU A 222 -11.03 12.35 -9.64
C LEU A 222 -12.35 12.96 -9.18
N ARG A 223 -13.18 12.12 -8.57
CA ARG A 223 -14.46 12.56 -8.03
C ARG A 223 -14.53 12.18 -6.55
N PRO A 224 -13.79 12.91 -5.68
CA PRO A 224 -13.77 12.59 -4.25
C PRO A 224 -15.12 12.75 -3.56
N ASP A 225 -16.06 13.43 -4.20
N ASP A 225 -16.05 13.44 -4.22
CA ASP A 225 -17.42 13.56 -3.68
CA ASP A 225 -17.42 13.58 -3.73
C ASP A 225 -18.09 12.20 -3.50
C ASP A 225 -18.10 12.23 -3.55
N ILE A 226 -17.65 11.22 -4.29
CA ILE A 226 -18.10 9.83 -4.18
CA ILE A 226 -18.17 9.86 -4.15
C ILE A 226 -17.79 9.28 -2.79
N LEU A 227 -16.58 9.60 -2.32
CA LEU A 227 -16.16 9.18 -0.98
C LEU A 227 -16.95 9.88 0.11
N ALA A 228 -17.18 11.19 -0.07
CA ALA A 228 -18.01 11.96 0.85
C ALA A 228 -19.40 11.34 0.94
N GLN A 229 -19.97 11.00 -0.23
CA GLN A 229 -21.29 10.38 -0.30
C GLN A 229 -21.31 9.03 0.42
N GLY A 230 -20.27 8.23 0.21
CA GLY A 230 -20.15 6.93 0.87
C GLY A 230 -20.18 7.02 2.38
N GLN A 231 -19.45 8.00 2.93
CA GLN A 231 -19.43 8.22 4.38
C GLN A 231 -20.80 8.64 4.90
N GLN A 232 -21.50 9.48 4.14
N GLN A 232 -21.49 9.49 4.15
CA GLN A 232 -22.83 9.93 4.50
CA GLN A 232 -22.84 9.93 4.51
C GLN A 232 -23.84 8.78 4.48
C GLN A 232 -23.86 8.80 4.47
N VAL A 233 -23.72 7.93 3.46
CA VAL A 233 -24.57 6.74 3.33
C VAL A 233 -24.36 5.79 4.52
N ALA A 234 -23.09 5.53 4.87
CA ALA A 234 -22.76 4.71 6.02
C ALA A 234 -23.23 5.31 7.34
N ALA A 235 -23.01 6.61 7.50
CA ALA A 235 -23.42 7.31 8.72
C ALA A 235 -24.93 7.21 8.94
N ALA A 236 -25.70 7.40 7.87
CA ALA A 236 -27.16 7.28 7.93
C ALA A 236 -27.59 5.86 8.31
N LYS A 237 -26.92 4.86 7.72
N LYS A 237 -26.94 4.86 7.70
CA LYS A 237 -27.23 3.46 7.98
CA LYS A 237 -27.22 3.45 7.98
C LYS A 237 -26.99 3.09 9.45
C LYS A 237 -26.99 3.10 9.45
N LEU A 238 -25.89 3.62 10.00
CA LEU A 238 -25.47 3.35 11.37
C LEU A 238 -26.12 4.25 12.42
N GLY A 239 -26.89 5.25 11.98
CA GLY A 239 -27.55 6.17 12.90
C GLY A 239 -26.59 7.15 13.56
N LEU A 240 -25.58 7.54 12.80
CA LEU A 240 -24.54 8.45 13.27
C LEU A 240 -24.76 9.86 12.72
N PRO A 241 -24.12 10.88 13.31
CA PRO A 241 -24.18 12.24 12.75
C PRO A 241 -23.67 12.29 11.31
N ALA A 242 -24.18 13.25 10.54
CA ALA A 242 -23.91 13.35 9.11
C ALA A 242 -22.44 13.56 8.74
N ASP A 243 -21.64 13.99 9.71
CA ASP A 243 -20.21 14.24 9.48
C ASP A 243 -19.31 13.06 9.90
N ALA A 244 -19.92 11.97 10.36
CA ALA A 244 -19.18 10.76 10.72
C ALA A 244 -18.50 10.13 9.51
N LYS A 245 -17.37 9.48 9.75
N LYS A 245 -17.39 9.46 9.75
CA LYS A 245 -16.61 8.79 8.70
CA LYS A 245 -16.64 8.79 8.69
C LYS A 245 -16.46 7.30 9.08
C LYS A 245 -16.46 7.31 9.02
N PRO A 246 -17.52 6.50 8.89
CA PRO A 246 -17.44 5.08 9.27
C PRO A 246 -16.47 4.21 8.47
N PHE A 247 -16.18 4.58 7.23
CA PHE A 247 -15.25 3.83 6.39
C PHE A 247 -13.80 4.33 6.52
N ASP A 248 -12.87 3.39 6.53
CA ASP A 248 -11.44 3.66 6.32
C ASP A 248 -11.17 3.42 4.84
N PHE A 249 -11.03 4.48 4.05
CA PHE A 249 -10.88 4.33 2.61
C PHE A 249 -9.43 4.13 2.17
N VAL A 250 -9.28 3.39 1.07
CA VAL A 250 -7.98 3.22 0.41
C VAL A 250 -8.04 3.86 -0.97
N PHE A 251 -7.03 4.67 -1.28
CA PHE A 251 -6.93 5.41 -2.54
C PHE A 251 -5.91 4.67 -3.42
N HIS A 252 -6.41 3.82 -4.32
CA HIS A 252 -5.57 3.16 -5.31
C HIS A 252 -5.24 4.13 -6.43
N GLY A 253 -4.10 3.92 -7.07
CA GLY A 253 -3.74 4.77 -8.19
C GLY A 253 -3.25 6.14 -7.77
N GLY A 254 -2.57 6.23 -6.63
CA GLY A 254 -2.13 7.51 -6.08
C GLY A 254 -1.10 8.26 -6.92
N SER A 255 -0.25 7.56 -7.66
CA SER A 255 0.79 8.22 -8.43
C SER A 255 0.21 9.20 -9.43
N GLY A 256 0.86 10.35 -9.59
CA GLY A 256 0.45 11.32 -10.60
C GLY A 256 -0.67 12.24 -10.19
N SER A 257 -1.20 12.07 -8.98
CA SER A 257 -2.31 12.87 -8.48
C SER A 257 -1.88 14.28 -8.13
N LEU A 258 -2.80 15.23 -8.30
CA LEU A 258 -2.54 16.59 -7.87
C LEU A 258 -2.59 16.66 -6.35
N LYS A 259 -1.77 17.53 -5.78
N LYS A 259 -1.79 17.54 -5.78
CA LYS A 259 -1.72 17.75 -4.34
CA LYS A 259 -1.73 17.73 -4.33
C LYS A 259 -3.12 18.06 -3.78
C LYS A 259 -3.10 18.08 -3.75
N SER A 260 -3.84 18.94 -4.46
CA SER A 260 -5.20 19.33 -4.06
C SER A 260 -6.20 18.17 -4.07
N GLU A 261 -6.00 17.22 -4.98
CA GLU A 261 -6.83 16.02 -5.06
C GLU A 261 -6.59 15.10 -3.87
N ILE A 262 -5.32 14.94 -3.51
CA ILE A 262 -4.94 14.17 -2.33
C ILE A 262 -5.56 14.80 -1.09
N GLU A 263 -5.44 16.13 -0.96
CA GLU A 263 -6.00 16.85 0.18
C GLU A 263 -7.50 16.63 0.33
N GLU A 264 -8.22 16.67 -0.78
CA GLU A 264 -9.67 16.46 -0.72
C GLU A 264 -10.02 15.05 -0.29
N ALA A 265 -9.27 14.07 -0.79
CA ALA A 265 -9.50 12.67 -0.42
C ALA A 265 -9.28 12.43 1.08
N LEU A 266 -8.28 13.11 1.65
CA LEU A 266 -8.01 13.03 3.09
C LEU A 266 -9.21 13.48 3.91
N ARG A 267 -9.89 14.53 3.45
CA ARG A 267 -11.05 15.07 4.16
CA ARG A 267 -11.07 15.07 4.14
C ARG A 267 -12.18 14.04 4.32
N TYR A 268 -12.23 13.07 3.40
CA TYR A 268 -13.34 12.12 3.38
C TYR A 268 -12.98 10.72 3.90
N GLY A 269 -11.85 10.60 4.58
CA GLY A 269 -11.52 9.36 5.29
C GLY A 269 -10.60 8.38 4.60
N VAL A 270 -9.88 8.83 3.57
CA VAL A 270 -8.78 8.03 3.04
C VAL A 270 -7.68 7.96 4.10
N VAL A 271 -7.32 6.73 4.46
CA VAL A 271 -6.25 6.48 5.45
C VAL A 271 -5.03 5.80 4.84
N LYS A 272 -5.13 5.38 3.58
CA LYS A 272 -4.10 4.60 2.91
C LYS A 272 -4.13 5.03 1.44
N MET A 273 -3.01 5.55 0.94
CA MET A 273 -2.91 5.85 -0.49
C MET A 273 -1.79 5.00 -1.08
N ASN A 274 -2.15 4.19 -2.07
CA ASN A 274 -1.22 3.29 -2.72
C ASN A 274 -0.41 4.03 -3.76
N VAL A 275 0.90 3.84 -3.76
N VAL A 275 0.90 3.81 -3.75
CA VAL A 275 1.76 4.42 -4.78
CA VAL A 275 1.82 4.42 -4.70
C VAL A 275 2.79 3.42 -5.27
C VAL A 275 2.72 3.30 -5.26
N ASP A 276 2.81 3.21 -6.58
CA ASP A 276 3.75 2.30 -7.22
C ASP A 276 4.45 3.00 -8.37
N THR A 277 3.69 3.51 -9.33
CA THR A 277 4.29 4.03 -10.55
C THR A 277 5.31 5.15 -10.28
N ASP A 278 4.97 6.09 -9.40
CA ASP A 278 5.87 7.20 -9.13
C ASP A 278 7.16 6.76 -8.42
N THR A 279 7.06 5.76 -7.54
CA THR A 279 8.26 5.25 -6.89
C THR A 279 9.09 4.38 -7.84
N GLN A 280 8.42 3.72 -8.79
CA GLN A 280 9.14 3.03 -9.88
C GLN A 280 9.97 4.01 -10.69
N TYR A 281 9.37 5.13 -11.08
CA TYR A 281 10.11 6.13 -11.85
C TYR A 281 11.29 6.66 -11.04
N ALA A 282 11.05 6.97 -9.77
CA ALA A 282 12.10 7.49 -8.89
C ALA A 282 13.24 6.49 -8.72
N PHE A 283 12.92 5.20 -8.64
CA PHE A 283 13.96 4.17 -8.53
C PHE A 283 14.79 4.06 -9.81
N THR A 284 14.11 3.99 -10.94
CA THR A 284 14.77 3.76 -12.21
C THR A 284 15.56 4.97 -12.73
N ARG A 285 15.08 6.17 -12.41
CA ARG A 285 15.62 7.37 -13.03
C ARG A 285 17.15 7.53 -12.88
N PRO A 286 17.70 7.36 -11.66
CA PRO A 286 19.16 7.44 -11.54
C PRO A 286 19.91 6.24 -12.12
N ILE A 287 19.23 5.11 -12.29
CA ILE A 287 19.87 3.95 -12.93
C ILE A 287 20.07 4.27 -14.41
N ALA A 288 19.03 4.80 -15.05
CA ALA A 288 19.16 5.25 -16.43
C ALA A 288 20.32 6.23 -16.54
N GLY A 289 20.33 7.26 -15.69
CA GLY A 289 21.39 8.26 -15.73
C GLY A 289 22.78 7.65 -15.57
N HIS A 290 22.91 6.69 -14.67
CA HIS A 290 24.18 6.01 -14.43
C HIS A 290 24.67 5.27 -15.65
N MET A 291 23.76 4.57 -16.33
CA MET A 291 24.15 3.79 -17.49
C MET A 291 24.64 4.71 -18.61
N PHE A 292 23.96 5.82 -18.83
CA PHE A 292 24.35 6.73 -19.88
CA PHE A 292 24.33 6.78 -19.88
C PHE A 292 25.68 7.41 -19.59
N THR A 293 25.82 8.01 -18.41
N THR A 293 25.78 8.01 -18.40
CA THR A 293 27.07 8.72 -18.11
CA THR A 293 26.99 8.68 -17.95
C THR A 293 28.26 7.78 -17.93
C THR A 293 28.21 7.75 -18.04
N ASN A 294 28.00 6.50 -17.64
CA ASN A 294 29.07 5.50 -17.52
C ASN A 294 29.03 4.47 -18.64
N TYR A 295 28.58 4.87 -19.83
CA TYR A 295 28.32 3.90 -20.91
C TYR A 295 29.55 3.04 -21.23
N ASP A 296 30.73 3.64 -21.19
CA ASP A 296 31.96 2.92 -21.56
C ASP A 296 32.59 2.19 -20.38
N GLY A 297 31.90 2.25 -19.24
CA GLY A 297 32.28 1.46 -18.06
C GLY A 297 31.34 0.29 -17.84
N VAL A 298 30.06 0.48 -18.11
CA VAL A 298 29.08 -0.60 -17.97
C VAL A 298 29.00 -1.51 -19.22
N LEU A 299 29.61 -1.06 -20.31
CA LEU A 299 29.77 -1.88 -21.50
C LEU A 299 31.25 -2.09 -21.76
N LYS A 300 31.58 -3.29 -22.22
CA LYS A 300 32.93 -3.60 -22.69
C LYS A 300 33.01 -3.16 -24.14
N VAL A 301 33.64 -2.02 -24.37
CA VAL A 301 33.62 -1.38 -25.69
CA VAL A 301 33.63 -1.36 -25.68
C VAL A 301 35.02 -1.30 -26.30
N ASP A 302 35.09 -1.50 -27.61
CA ASP A 302 36.32 -1.34 -28.38
C ASP A 302 37.48 -2.16 -27.85
N GLY A 303 37.16 -3.37 -27.36
CA GLY A 303 38.18 -4.29 -26.86
C GLY A 303 38.56 -4.09 -25.41
N GLU A 304 37.98 -3.09 -24.76
CA GLU A 304 38.24 -2.82 -23.35
C GLU A 304 37.37 -3.70 -22.45
N VAL A 305 37.67 -3.74 -21.16
CA VAL A 305 36.98 -4.65 -20.25
C VAL A 305 35.98 -3.97 -19.31
N GLY A 306 35.57 -2.74 -19.65
CA GLY A 306 34.65 -2.02 -18.78
C GLY A 306 35.31 -1.58 -17.49
N VAL A 307 34.50 -1.11 -16.56
CA VAL A 307 35.00 -0.55 -15.31
C VAL A 307 34.14 -1.11 -14.18
N LYS A 308 34.74 -2.02 -13.41
CA LYS A 308 34.02 -2.71 -12.34
C LYS A 308 33.31 -1.77 -11.39
N LYS A 309 33.97 -0.67 -11.03
N LYS A 309 33.95 -0.67 -11.02
CA LYS A 309 33.41 0.26 -10.06
CA LYS A 309 33.34 0.20 -10.01
C LYS A 309 32.01 0.75 -10.47
C LYS A 309 32.07 0.90 -10.48
N VAL A 310 31.75 0.82 -11.77
CA VAL A 310 30.45 1.29 -12.25
C VAL A 310 29.50 0.20 -12.77
N TYR A 311 30.01 -1.01 -13.01
CA TYR A 311 29.09 -2.11 -13.29
C TYR A 311 28.75 -2.97 -12.07
N ASP A 312 29.43 -2.72 -10.95
CA ASP A 312 29.00 -3.23 -9.65
C ASP A 312 27.56 -2.75 -9.43
N PRO A 313 26.59 -3.67 -9.29
CA PRO A 313 25.18 -3.23 -9.16
C PRO A 313 24.93 -2.25 -8.03
N ARG A 314 25.72 -2.33 -6.96
CA ARG A 314 25.54 -1.41 -5.84
C ARG A 314 25.77 0.04 -6.23
N SER A 315 26.62 0.27 -7.22
CA SER A 315 26.97 1.64 -7.59
C SER A 315 25.73 2.43 -8.04
N TYR A 316 24.88 1.81 -8.84
CA TYR A 316 23.66 2.47 -9.28
C TYR A 316 22.47 2.17 -8.40
N LEU A 317 22.45 1.00 -7.77
CA LEU A 317 21.32 0.68 -6.90
C LEU A 317 21.25 1.52 -5.62
N LYS A 318 22.39 1.97 -5.11
N LYS A 318 22.38 1.99 -5.11
CA LYS A 318 22.39 2.93 -4.00
CA LYS A 318 22.35 2.93 -3.99
C LYS A 318 21.68 4.22 -4.42
C LYS A 318 21.75 4.28 -4.39
N LYS A 319 21.96 4.68 -5.63
CA LYS A 319 21.37 5.91 -6.16
C LYS A 319 19.86 5.70 -6.36
N ALA A 320 19.48 4.54 -6.89
CA ALA A 320 18.08 4.16 -7.05
C ALA A 320 17.33 4.19 -5.73
N GLU A 321 17.92 3.53 -4.73
N GLU A 321 17.91 3.54 -4.72
CA GLU A 321 17.37 3.50 -3.38
CA GLU A 321 17.31 3.52 -3.39
C GLU A 321 17.12 4.90 -2.85
C GLU A 321 17.11 4.92 -2.81
N ALA A 322 18.15 5.75 -2.88
CA ALA A 322 18.06 7.09 -2.32
C ALA A 322 16.99 7.94 -3.00
N SER A 323 16.89 7.78 -4.32
CA SER A 323 15.90 8.51 -5.10
C SER A 323 14.49 8.05 -4.79
N MET A 324 14.28 6.74 -4.70
CA MET A 324 12.98 6.23 -4.30
C MET A 324 12.61 6.68 -2.88
N SER A 325 13.57 6.69 -1.97
CA SER A 325 13.29 7.17 -0.61
C SER A 325 12.80 8.61 -0.61
N GLN A 326 13.43 9.45 -1.44
CA GLN A 326 13.00 10.85 -1.55
C GLN A 326 11.55 10.98 -2.01
N ARG A 327 11.14 10.12 -2.95
CA ARG A 327 9.77 10.15 -3.44
C ARG A 327 8.80 9.69 -2.36
N VAL A 328 9.25 8.75 -1.52
CA VAL A 328 8.44 8.30 -0.40
C VAL A 328 8.29 9.42 0.64
N VAL A 329 9.36 10.15 0.92
CA VAL A 329 9.26 11.32 1.81
C VAL A 329 8.21 12.30 1.26
N GLN A 330 8.25 12.55 -0.04
CA GLN A 330 7.25 13.42 -0.66
C GLN A 330 5.83 12.90 -0.42
N ALA A 331 5.62 11.58 -0.57
CA ALA A 331 4.32 10.99 -0.29
C ALA A 331 3.88 11.23 1.16
N CYS A 332 4.79 11.10 2.11
CA CYS A 332 4.46 11.32 3.51
C CYS A 332 4.07 12.77 3.79
N ASN A 333 4.71 13.71 3.11
N ASN A 333 4.75 13.70 3.12
CA ASN A 333 4.33 15.11 3.24
CA ASN A 333 4.39 15.11 3.18
C ASN A 333 3.02 15.45 2.54
C ASN A 333 2.99 15.33 2.60
N ASP A 334 2.77 14.82 1.39
CA ASP A 334 1.49 14.98 0.67
C ASP A 334 0.29 14.44 1.46
N LEU A 335 0.53 13.35 2.19
CA LEU A 335 -0.52 12.66 2.93
C LEU A 335 -0.63 13.12 4.38
N HIS A 336 0.27 13.99 4.79
CA HIS A 336 0.28 14.61 6.12
C HIS A 336 0.54 13.62 7.25
N CYS A 337 1.22 12.52 6.94
CA CYS A 337 1.68 11.59 7.97
C CYS A 337 3.12 11.87 8.41
N ALA A 338 3.84 12.71 7.67
CA ALA A 338 5.20 13.07 8.03
C ALA A 338 5.23 13.69 9.42
N GLY A 339 6.19 13.25 10.23
CA GLY A 339 6.38 13.77 11.59
C GLY A 339 5.39 13.25 12.61
N LYS A 340 4.62 12.22 12.24
CA LYS A 340 3.55 11.73 13.11
C LYS A 340 3.67 10.26 13.51
N SER A 341 4.83 9.66 13.26
CA SER A 341 5.04 8.26 13.66
C SER A 341 4.62 8.05 15.11
N LEU A 342 3.92 6.95 15.36
CA LEU A 342 3.43 6.65 16.70
C LEU A 342 4.52 6.22 17.68
N THR A 343 5.76 6.08 17.20
CA THR A 343 6.88 5.88 18.11
C THR A 343 7.31 7.17 18.80
N HIS A 344 6.95 8.31 18.22
N HIS A 344 6.92 8.29 18.21
CA HIS A 344 7.27 9.64 18.78
CA HIS A 344 7.30 9.64 18.65
C HIS A 344 8.75 9.76 19.18
C HIS A 344 8.82 9.75 18.75
N HIS A 345 9.62 9.24 18.33
N HIS A 345 9.48 9.01 17.86
CA HIS A 345 11.05 9.25 18.59
CA HIS A 345 10.91 9.12 17.64
C HIS A 345 11.64 10.66 18.52
C HIS A 345 11.20 10.42 16.89
N HIS A 346 11.05 11.48 17.64
CA HIS A 346 11.46 12.84 17.26
C HIS A 346 12.96 13.11 17.37
P6 2FP B . 1.57 -4.80 -10.21
O6 2FP B . 1.17 -3.65 -9.15
C6 2FP B . -0.05 -2.92 -9.23
C5 2FP B . -0.06 -1.91 -8.07
O5 2FP B . 0.99 -0.97 -8.29
C4 2FP B . -1.33 -1.08 -7.98
O4 2FP B . -2.52 -1.86 -8.22
C3 2FP B . -1.40 -0.41 -6.61
O3 2FP B . -2.42 -1.07 -5.83
C2 2FP B . -1.76 1.04 -6.80
O2 2FP B . -2.90 1.37 -6.54
C1 2FP B . -0.75 2.07 -7.30
O1 2FP B . -1.20 2.90 -8.41
O61 2FP B . 0.32 -5.64 -10.35
O62 2FP B . 1.98 -4.07 -11.47
O63 2FP B . 2.73 -5.49 -9.54
P1 2FP B . -0.19 3.97 -9.12
O11 2FP B . 0.76 3.08 -9.89
O12 2FP B . 0.51 4.60 -7.94
O13 2FP B . -1.03 4.96 -9.91
NA NA C . -2.22 6.88 -10.73
ZN ZN D . -4.26 -0.86 -6.93
ZN ZN E . 5.15 13.09 18.84
#